data_4Q0A
#
_entry.id   4Q0A
#
_cell.length_a   66.213
_cell.length_b   66.213
_cell.length_c   262.571
_cell.angle_alpha   90.00
_cell.angle_beta   90.00
_cell.angle_gamma   120.00
#
_symmetry.space_group_name_H-M   'P 65 2 2'
#
loop_
_entity.id
_entity.type
_entity.pdbx_description
1 polymer 'Vitamin D3 receptor A'
2 polymer 'Nuclear receptor coactivator 2'
3 non-polymer '(3beta,5beta,14beta,17alpha)-3-hydroxycholan-24-oic acid'
4 water water
#
loop_
_entity_poly.entity_id
_entity_poly.type
_entity_poly.pdbx_seq_one_letter_code
_entity_poly.pdbx_strand_id
1 'polypeptide(L)'
;GSHMLSDEQMQIINSLVEAHHKTYDDSYSDFVRFRPPVREGPVTRSASRAASLHSLSDASSDSFNHSPESVDTKLNFSNL
LMMYQDSGSPDSSEEDQQSRLSMLPHLADLVSYSIQKVIGFAKMIPGFRDLTAEDQIALLKSSAIEIIMLRSNQSFSLED
MSWSCGGPDFKYCINDVTKAGHTLELLEPLVKFQVGLKKLKLHEEEHVLLMAICLLSPDRPGVQDHVRIEALQDRLCDVL
QAYIRIQHPGGRLLYAKMIQKLADLRSLNEEHSKQYRSLSFQPEHSMQLTPLVLEVFGSEVS
;
C
2 'polypeptide(L)' GHKILHRLLQ D
#
loop_
_chem_comp.id
_chem_comp.type
_chem_comp.name
_chem_comp.formula
4OA non-polymer '(3beta,5beta,14beta,17alpha)-3-hydroxycholan-24-oic acid' 'C24 H40 O3'
#
# COMPACT_ATOMS: atom_id res chain seq x y z
N MET A 4 -21.69 -8.04 -17.19
CA MET A 4 -21.57 -6.73 -17.88
C MET A 4 -21.57 -5.60 -16.87
N LEU A 5 -20.82 -4.54 -17.15
CA LEU A 5 -20.73 -3.39 -16.25
C LEU A 5 -21.44 -2.18 -16.83
N SER A 6 -21.75 -1.22 -15.97
CA SER A 6 -22.40 0.01 -16.41
C SER A 6 -21.30 1.04 -16.64
N ASP A 7 -21.60 2.11 -17.37
CA ASP A 7 -20.62 3.13 -17.62
C ASP A 7 -20.17 3.77 -16.30
N GLU A 8 -20.87 3.39 -15.23
CA GLU A 8 -20.56 3.89 -13.90
C GLU A 8 -19.43 3.02 -13.35
N GLN A 9 -19.64 1.70 -13.41
CA GLN A 9 -18.65 0.74 -12.95
C GLN A 9 -17.39 0.84 -13.80
N MET A 10 -17.59 1.11 -15.09
CA MET A 10 -16.48 1.23 -16.01
C MET A 10 -15.66 2.45 -15.68
N GLN A 11 -16.30 3.60 -15.50
CA GLN A 11 -15.55 4.81 -15.18
C GLN A 11 -14.86 4.69 -13.82
N ILE A 12 -15.31 3.78 -12.97
CA ILE A 12 -14.67 3.60 -11.67
C ILE A 12 -13.31 2.97 -11.94
N ILE A 13 -13.31 1.91 -12.75
CA ILE A 13 -12.07 1.24 -13.11
C ILE A 13 -11.14 2.21 -13.83
N ASN A 14 -11.65 2.97 -14.79
CA ASN A 14 -10.82 3.94 -15.50
C ASN A 14 -10.22 4.94 -14.53
N SER A 15 -11.01 5.39 -13.55
CA SER A 15 -10.51 6.36 -12.57
C SER A 15 -9.37 5.80 -11.74
N LEU A 16 -9.50 4.54 -11.33
CA LEU A 16 -8.48 3.89 -10.52
C LEU A 16 -7.18 3.66 -11.30
N VAL A 17 -7.31 3.16 -12.52
CA VAL A 17 -6.12 2.93 -13.34
C VAL A 17 -5.38 4.25 -13.55
N GLU A 18 -6.11 5.31 -13.87
CA GLU A 18 -5.48 6.60 -14.10
C GLU A 18 -4.86 7.14 -12.82
N ALA A 19 -5.53 6.91 -11.70
CA ALA A 19 -5.01 7.37 -10.40
C ALA A 19 -3.66 6.69 -10.16
N HIS A 20 -3.62 5.37 -10.34
CA HIS A 20 -2.41 4.59 -10.15
C HIS A 20 -1.27 4.98 -11.10
N HIS A 21 -1.60 5.30 -12.36
CA HIS A 21 -0.57 5.71 -13.31
C HIS A 21 0.00 7.08 -12.92
N LYS A 22 -0.81 7.91 -12.30
CA LYS A 22 -0.34 9.22 -11.89
C LYS A 22 0.46 9.17 -10.57
N THR A 23 0.41 8.04 -9.87
CA THR A 23 1.08 7.92 -8.57
C THR A 23 2.13 6.82 -8.44
N TYR A 24 2.32 6.05 -9.50
CA TYR A 24 3.32 5.00 -9.49
C TYR A 24 4.20 5.16 -10.72
N ASP A 25 5.39 5.71 -10.51
CA ASP A 25 6.37 5.96 -11.57
C ASP A 25 7.12 4.68 -11.92
N ASP A 26 6.79 4.07 -13.07
CA ASP A 26 7.44 2.85 -13.51
C ASP A 26 8.93 3.02 -13.77
N SER A 27 9.40 4.27 -13.88
CA SER A 27 10.82 4.53 -14.10
C SER A 27 11.57 4.71 -12.77
N TYR A 28 10.84 4.79 -11.65
CA TYR A 28 11.47 4.97 -10.33
C TYR A 28 12.52 6.08 -10.38
N SER A 29 12.30 7.11 -11.18
CA SER A 29 13.28 8.17 -11.33
C SER A 29 13.55 9.04 -10.10
N ASP A 30 12.61 9.08 -9.15
CA ASP A 30 12.81 9.87 -7.94
C ASP A 30 13.67 9.16 -6.89
N PHE A 31 13.91 7.88 -7.06
CA PHE A 31 14.69 7.09 -6.08
C PHE A 31 16.11 7.60 -5.84
N VAL A 32 16.65 8.35 -6.81
CA VAL A 32 18.00 8.89 -6.66
C VAL A 32 18.02 10.08 -5.71
N ARG A 33 16.83 10.55 -5.30
CA ARG A 33 16.75 11.69 -4.40
C ARG A 33 16.77 11.22 -2.94
N PHE A 34 16.54 9.93 -2.73
CA PHE A 34 16.53 9.33 -1.40
C PHE A 34 17.93 9.26 -0.81
N ARG A 35 18.03 9.21 0.51
CA ARG A 35 19.33 9.01 1.14
C ARG A 35 19.83 7.75 0.43
N PRO A 36 21.09 7.76 -0.06
CA PRO A 36 21.58 6.56 -0.75
C PRO A 36 21.50 5.24 0.04
N PRO A 37 21.32 4.12 -0.69
CA PRO A 37 21.25 2.81 -0.02
C PRO A 37 22.68 2.40 0.33
N VAL A 38 22.84 1.60 1.38
CA VAL A 38 24.16 1.13 1.79
C VAL A 38 23.97 -0.32 2.18
N ARG A 39 24.50 -1.21 1.35
CA ARG A 39 24.36 -2.64 1.57
C ARG A 39 25.60 -3.19 2.30
N ARG A 100 23.97 -3.44 9.67
CA ARG A 100 23.06 -3.15 10.82
C ARG A 100 22.48 -1.76 10.63
N LEU A 101 21.23 -1.69 10.20
CA LEU A 101 20.55 -0.43 9.96
C LEU A 101 21.17 0.38 8.83
N SER A 102 22.09 -0.21 8.07
CA SER A 102 22.73 0.54 6.99
C SER A 102 21.73 0.96 5.92
N MET A 103 20.65 0.20 5.76
CA MET A 103 19.62 0.54 4.76
C MET A 103 18.49 1.41 5.33
N LEU A 104 18.49 1.66 6.65
CA LEU A 104 17.41 2.46 7.26
C LEU A 104 17.19 3.87 6.69
N PRO A 105 18.26 4.65 6.45
CA PRO A 105 18.05 5.99 5.91
C PRO A 105 17.40 5.94 4.52
N HIS A 106 17.91 5.08 3.65
CA HIS A 106 17.36 4.94 2.29
C HIS A 106 15.89 4.43 2.29
N LEU A 107 15.62 3.41 3.09
CA LEU A 107 14.29 2.82 3.11
C LEU A 107 13.26 3.69 3.82
N ALA A 108 13.69 4.52 4.77
CA ALA A 108 12.80 5.44 5.46
C ALA A 108 12.33 6.45 4.40
N ASP A 109 13.26 6.91 3.57
CA ASP A 109 12.92 7.84 2.50
C ASP A 109 12.02 7.18 1.47
N LEU A 110 12.36 5.96 1.07
CA LEU A 110 11.54 5.21 0.11
C LEU A 110 10.12 5.00 0.65
N VAL A 111 9.99 4.54 1.89
CA VAL A 111 8.66 4.32 2.45
C VAL A 111 7.88 5.64 2.53
N SER A 112 8.53 6.71 2.98
CA SER A 112 7.88 8.02 3.10
C SER A 112 7.40 8.53 1.74
N TYR A 113 8.23 8.34 0.72
CA TYR A 113 7.86 8.76 -0.63
C TYR A 113 6.65 7.91 -1.03
N SER A 114 6.66 6.63 -0.69
CA SER A 114 5.55 5.77 -1.08
C SER A 114 4.25 6.19 -0.38
N ILE A 115 4.34 6.64 0.87
CA ILE A 115 3.15 7.10 1.59
C ILE A 115 2.53 8.31 0.88
N GLN A 116 3.36 9.24 0.41
CA GLN A 116 2.85 10.42 -0.29
C GLN A 116 2.12 10.01 -1.55
N LYS A 117 2.66 8.99 -2.21
CA LYS A 117 2.05 8.48 -3.44
C LYS A 117 0.73 7.75 -3.15
N VAL A 118 0.65 7.05 -2.03
CA VAL A 118 -0.58 6.34 -1.65
C VAL A 118 -1.67 7.38 -1.32
N ILE A 119 -1.29 8.49 -0.69
CA ILE A 119 -2.24 9.54 -0.36
C ILE A 119 -2.76 10.12 -1.69
N GLY A 120 -1.84 10.34 -2.64
CA GLY A 120 -2.23 10.86 -3.94
C GLY A 120 -3.20 9.91 -4.63
N PHE A 121 -2.93 8.62 -4.56
CA PHE A 121 -3.79 7.60 -5.16
C PHE A 121 -5.19 7.63 -4.52
N ALA A 122 -5.21 7.67 -3.19
CA ALA A 122 -6.46 7.68 -2.43
C ALA A 122 -7.35 8.87 -2.77
N LYS A 123 -6.76 10.05 -2.89
CA LYS A 123 -7.51 11.26 -3.21
C LYS A 123 -8.22 11.15 -4.56
N MET A 124 -7.77 10.21 -5.40
CA MET A 124 -8.41 10.04 -6.71
C MET A 124 -9.39 8.87 -6.75
N ILE A 125 -9.51 8.13 -5.65
CA ILE A 125 -10.46 7.03 -5.62
C ILE A 125 -11.84 7.71 -5.52
N PRO A 126 -12.78 7.36 -6.41
CA PRO A 126 -14.13 7.95 -6.39
C PRO A 126 -14.81 7.84 -5.02
N GLY A 127 -15.20 8.96 -4.43
CA GLY A 127 -15.86 8.93 -3.13
C GLY A 127 -14.98 9.19 -1.90
N PHE A 128 -13.67 8.97 -2.04
CA PHE A 128 -12.74 9.19 -0.94
C PHE A 128 -12.67 10.68 -0.60
N ARG A 129 -12.58 11.51 -1.63
CA ARG A 129 -12.51 12.95 -1.45
C ARG A 129 -13.70 13.55 -0.71
N ASP A 130 -14.86 12.90 -0.84
CA ASP A 130 -16.08 13.39 -0.18
C ASP A 130 -16.17 13.00 1.28
N LEU A 131 -15.33 12.07 1.72
CA LEU A 131 -15.34 11.67 3.13
C LEU A 131 -14.79 12.85 3.94
N THR A 132 -14.97 12.81 5.26
CA THR A 132 -14.47 13.90 6.09
C THR A 132 -12.96 13.77 6.19
N ALA A 133 -12.28 14.87 6.49
CA ALA A 133 -10.82 14.83 6.63
C ALA A 133 -10.45 13.78 7.67
N GLU A 134 -11.26 13.64 8.71
CA GLU A 134 -11.01 12.66 9.78
C GLU A 134 -11.06 11.21 9.31
N ASP A 135 -12.03 10.87 8.47
CA ASP A 135 -12.12 9.50 7.96
C ASP A 135 -11.00 9.24 6.95
N GLN A 136 -10.65 10.25 6.17
CA GLN A 136 -9.57 10.08 5.19
C GLN A 136 -8.28 9.73 5.94
N ILE A 137 -8.00 10.48 7.00
CA ILE A 137 -6.82 10.24 7.81
C ILE A 137 -6.90 8.88 8.46
N ALA A 138 -8.08 8.54 8.97
CA ALA A 138 -8.30 7.25 9.60
C ALA A 138 -8.01 6.08 8.66
N LEU A 139 -8.54 6.15 7.45
CA LEU A 139 -8.32 5.09 6.47
C LEU A 139 -6.85 4.97 6.07
N LEU A 140 -6.18 6.11 5.90
CA LEU A 140 -4.78 6.10 5.49
C LEU A 140 -3.81 5.59 6.57
N LYS A 141 -3.98 6.04 7.80
CA LYS A 141 -3.09 5.61 8.88
C LYS A 141 -3.17 4.13 9.08
N SER A 142 -4.37 3.60 8.87
CA SER A 142 -4.57 2.18 9.03
C SER A 142 -4.12 1.35 7.83
N SER A 143 -4.33 1.85 6.63
CA SER A 143 -4.01 1.08 5.44
C SER A 143 -2.74 1.39 4.67
N ALA A 144 -2.10 2.52 4.95
CA ALA A 144 -0.92 2.90 4.18
C ALA A 144 0.11 1.80 4.04
N ILE A 145 0.50 1.18 5.15
CA ILE A 145 1.51 0.12 5.04
C ILE A 145 1.02 -1.03 4.16
N GLU A 146 -0.28 -1.33 4.22
CA GLU A 146 -0.82 -2.41 3.39
C GLU A 146 -0.78 -2.05 1.90
N ILE A 147 -1.15 -0.82 1.55
CA ILE A 147 -1.16 -0.39 0.16
C ILE A 147 0.27 -0.36 -0.38
N ILE A 148 1.23 0.07 0.43
CA ILE A 148 2.63 0.10 0.00
C ILE A 148 3.08 -1.34 -0.30
N MET A 149 2.77 -2.27 0.59
CA MET A 149 3.10 -3.68 0.38
C MET A 149 2.42 -4.22 -0.88
N LEU A 150 1.18 -3.82 -1.11
CA LEU A 150 0.44 -4.27 -2.28
C LEU A 150 1.00 -3.67 -3.56
N ARG A 151 1.20 -2.35 -3.56
CA ARG A 151 1.68 -1.69 -4.77
C ARG A 151 3.08 -2.14 -5.16
N SER A 152 3.87 -2.59 -4.19
CA SER A 152 5.23 -3.03 -4.42
C SER A 152 5.33 -4.33 -5.22
N ASN A 153 4.21 -5.04 -5.34
CA ASN A 153 4.22 -6.27 -6.09
C ASN A 153 4.59 -5.98 -7.55
N GLN A 154 4.35 -4.75 -7.98
CA GLN A 154 4.66 -4.36 -9.36
C GLN A 154 6.18 -4.41 -9.67
N SER A 155 7.03 -4.21 -8.66
CA SER A 155 8.48 -4.28 -8.91
C SER A 155 9.06 -5.64 -8.48
N PHE A 156 8.26 -6.43 -7.76
CA PHE A 156 8.72 -7.73 -7.27
C PHE A 156 8.89 -8.74 -8.39
N SER A 157 10.01 -9.46 -8.35
CA SER A 157 10.34 -10.45 -9.36
C SER A 157 10.47 -11.84 -8.77
N LEU A 158 9.68 -12.79 -9.28
CA LEU A 158 9.74 -14.17 -8.80
C LEU A 158 11.09 -14.77 -9.15
N GLU A 159 11.71 -14.25 -10.20
CA GLU A 159 13.00 -14.77 -10.63
C GLU A 159 14.09 -14.60 -9.58
N ASP A 160 14.29 -13.38 -9.10
CA ASP A 160 15.32 -13.13 -8.10
C ASP A 160 14.76 -12.82 -6.72
N MET A 161 13.46 -13.03 -6.53
CA MET A 161 12.83 -12.76 -5.24
C MET A 161 13.27 -11.39 -4.71
N SER A 162 13.15 -10.38 -5.55
CA SER A 162 13.55 -9.03 -5.14
C SER A 162 12.61 -8.00 -5.71
N TRP A 163 12.66 -6.80 -5.13
CA TRP A 163 11.86 -5.70 -5.62
C TRP A 163 12.87 -4.97 -6.52
N SER A 164 12.69 -5.06 -7.84
CA SER A 164 13.60 -4.39 -8.76
C SER A 164 13.02 -3.06 -9.23
N CYS A 165 13.53 -1.98 -8.67
CA CYS A 165 13.04 -0.65 -9.00
C CYS A 165 13.98 0.13 -9.90
N GLY A 166 14.20 -0.38 -11.09
CA GLY A 166 15.09 0.31 -12.00
C GLY A 166 16.48 -0.28 -11.95
N GLY A 167 17.47 0.57 -11.68
CA GLY A 167 18.84 0.11 -11.63
C GLY A 167 19.22 -0.81 -10.48
N PRO A 168 20.49 -1.30 -10.47
CA PRO A 168 21.02 -2.19 -9.45
C PRO A 168 20.99 -1.54 -8.07
N ASP A 169 21.21 -0.23 -8.02
CA ASP A 169 21.21 0.47 -6.74
C ASP A 169 19.86 0.33 -6.05
N PHE A 170 18.82 0.11 -6.84
CA PHE A 170 17.49 0.00 -6.27
C PHE A 170 16.77 -1.31 -6.50
N LYS A 171 17.53 -2.40 -6.39
CA LYS A 171 17.00 -3.74 -6.49
C LYS A 171 17.15 -4.21 -5.04
N TYR A 172 16.04 -4.52 -4.39
CA TYR A 172 16.08 -4.92 -2.99
C TYR A 172 15.75 -6.38 -2.75
N CYS A 173 16.68 -7.09 -2.13
CA CYS A 173 16.47 -8.50 -1.82
C CYS A 173 16.14 -8.64 -0.34
N ILE A 174 15.90 -9.86 0.12
CA ILE A 174 15.55 -10.08 1.52
C ILE A 174 16.68 -9.58 2.41
N ASN A 175 17.90 -9.71 1.92
CA ASN A 175 19.09 -9.26 2.65
C ASN A 175 19.07 -7.75 2.88
N ASP A 176 18.77 -6.99 1.83
CA ASP A 176 18.73 -5.53 1.93
C ASP A 176 17.65 -5.03 2.89
N VAL A 177 16.42 -5.53 2.71
CA VAL A 177 15.29 -5.11 3.52
C VAL A 177 15.27 -5.58 4.98
N THR A 178 16.26 -6.38 5.36
CA THR A 178 16.39 -6.82 6.75
C THR A 178 17.36 -5.88 7.46
N LYS A 179 17.92 -4.90 6.73
CA LYS A 179 18.85 -3.95 7.33
C LYS A 179 18.27 -2.58 7.71
N ALA A 180 17.00 -2.55 8.14
CA ALA A 180 16.37 -1.31 8.57
C ALA A 180 15.73 -1.48 9.94
N GLY A 181 16.12 -2.53 10.65
CA GLY A 181 15.58 -2.76 11.98
C GLY A 181 14.52 -3.85 12.04
N HIS A 182 13.84 -4.08 10.93
CA HIS A 182 12.81 -5.11 10.90
C HIS A 182 13.39 -6.50 10.75
N THR A 183 12.73 -7.47 11.40
CA THR A 183 13.17 -8.87 11.43
C THR A 183 12.53 -9.76 10.39
N LEU A 184 13.04 -10.97 10.25
CA LEU A 184 12.50 -11.92 9.28
C LEU A 184 11.10 -12.31 9.69
N GLU A 185 10.76 -11.99 10.93
CA GLU A 185 9.43 -12.27 11.46
C GLU A 185 8.41 -11.45 10.63
N LEU A 186 8.86 -10.31 10.09
CA LEU A 186 7.99 -9.50 9.25
C LEU A 186 8.34 -9.80 7.78
N LEU A 187 9.63 -9.85 7.48
CA LEU A 187 10.09 -10.06 6.11
C LEU A 187 9.82 -11.38 5.44
N GLU A 188 9.80 -12.46 6.22
CA GLU A 188 9.53 -13.79 5.65
C GLU A 188 8.09 -13.83 5.14
N PRO A 189 7.13 -13.43 5.97
CA PRO A 189 5.74 -13.45 5.50
C PRO A 189 5.53 -12.45 4.36
N LEU A 190 6.24 -11.33 4.39
CA LEU A 190 6.11 -10.32 3.35
C LEU A 190 6.57 -10.84 1.99
N VAL A 191 7.70 -11.55 1.96
CA VAL A 191 8.20 -12.07 0.71
C VAL A 191 7.28 -13.18 0.23
N LYS A 192 6.78 -14.00 1.15
CA LYS A 192 5.86 -15.08 0.78
C LYS A 192 4.56 -14.50 0.25
N PHE A 193 4.13 -13.36 0.78
CA PHE A 193 2.92 -12.69 0.34
C PHE A 193 3.11 -12.22 -1.11
N GLN A 194 4.25 -11.58 -1.38
CA GLN A 194 4.57 -11.10 -2.72
C GLN A 194 4.56 -12.26 -3.73
N VAL A 195 5.19 -13.36 -3.36
CA VAL A 195 5.24 -14.53 -4.25
C VAL A 195 3.84 -15.01 -4.59
N GLY A 196 3.04 -15.29 -3.56
CA GLY A 196 1.68 -15.76 -3.80
C GLY A 196 0.86 -14.77 -4.62
N LEU A 197 1.08 -13.49 -4.38
CA LEU A 197 0.33 -12.46 -5.10
C LEU A 197 0.79 -12.36 -6.55
N LYS A 198 2.10 -12.49 -6.77
CA LYS A 198 2.64 -12.40 -8.13
C LYS A 198 2.12 -13.56 -8.98
N LYS A 199 1.95 -14.71 -8.35
CA LYS A 199 1.43 -15.90 -9.02
C LYS A 199 -0.04 -15.79 -9.45
N LEU A 200 -0.76 -14.81 -8.92
CA LEU A 200 -2.16 -14.63 -9.32
C LEU A 200 -2.22 -13.99 -10.71
N LYS A 201 -1.11 -13.43 -11.17
CA LYS A 201 -1.06 -12.81 -12.48
C LYS A 201 -2.22 -11.84 -12.66
N LEU A 202 -2.42 -10.96 -11.68
CA LEU A 202 -3.53 -10.01 -11.76
C LEU A 202 -3.38 -9.01 -12.89
N HIS A 203 -4.50 -8.69 -13.54
CA HIS A 203 -4.47 -7.68 -14.59
C HIS A 203 -4.28 -6.39 -13.82
N GLU A 204 -3.83 -5.34 -14.49
CA GLU A 204 -3.65 -4.05 -13.88
C GLU A 204 -5.00 -3.60 -13.26
N GLU A 205 -6.10 -3.90 -13.95
CA GLU A 205 -7.41 -3.50 -13.46
C GLU A 205 -7.73 -4.10 -12.09
N GLU A 206 -7.42 -5.37 -11.90
CA GLU A 206 -7.68 -6.07 -10.64
C GLU A 206 -6.73 -5.57 -9.56
N HIS A 207 -5.50 -5.27 -9.94
CA HIS A 207 -4.48 -4.75 -9.04
C HIS A 207 -4.93 -3.42 -8.41
N VAL A 208 -5.35 -2.46 -9.24
CA VAL A 208 -5.79 -1.17 -8.72
C VAL A 208 -7.10 -1.31 -7.92
N LEU A 209 -7.99 -2.22 -8.35
CA LEU A 209 -9.25 -2.40 -7.63
C LEU A 209 -8.94 -2.95 -6.24
N LEU A 210 -8.01 -3.90 -6.17
CA LEU A 210 -7.66 -4.49 -4.88
C LEU A 210 -7.09 -3.43 -3.92
N MET A 211 -6.26 -2.52 -4.43
CA MET A 211 -5.70 -1.49 -3.56
C MET A 211 -6.82 -0.58 -3.07
N ALA A 212 -7.75 -0.21 -3.96
CA ALA A 212 -8.86 0.65 -3.59
C ALA A 212 -9.76 -0.01 -2.55
N ILE A 213 -10.01 -1.30 -2.71
CA ILE A 213 -10.83 -2.07 -1.78
C ILE A 213 -10.13 -2.15 -0.42
N CYS A 214 -8.83 -2.42 -0.45
CA CYS A 214 -8.04 -2.48 0.78
C CYS A 214 -8.11 -1.15 1.52
N LEU A 215 -7.99 -0.04 0.80
CA LEU A 215 -8.02 1.27 1.42
C LEU A 215 -9.38 1.64 1.98
N LEU A 216 -10.45 1.28 1.25
CA LEU A 216 -11.81 1.63 1.67
C LEU A 216 -12.49 0.60 2.57
N SER A 217 -11.79 0.13 3.58
CA SER A 217 -12.36 -0.85 4.50
C SER A 217 -12.98 -0.06 5.65
N PRO A 218 -14.29 -0.21 5.84
CA PRO A 218 -14.98 0.52 6.91
C PRO A 218 -14.62 0.02 8.32
N ASP A 219 -13.99 -1.14 8.41
CA ASP A 219 -13.63 -1.69 9.72
C ASP A 219 -12.24 -1.28 10.20
N ARG A 220 -11.79 -0.10 9.78
CA ARG A 220 -10.49 0.38 10.20
C ARG A 220 -10.74 1.40 11.33
N PRO A 221 -9.95 1.32 12.41
CA PRO A 221 -10.06 2.21 13.57
C PRO A 221 -10.23 3.70 13.26
N GLY A 222 -11.08 4.36 14.03
CA GLY A 222 -11.31 5.78 13.85
C GLY A 222 -12.31 6.20 12.80
N VAL A 223 -12.81 5.25 12.00
CA VAL A 223 -13.78 5.55 10.94
C VAL A 223 -15.17 5.97 11.46
N GLN A 224 -15.66 7.11 10.99
CA GLN A 224 -16.97 7.64 11.41
C GLN A 224 -18.13 7.22 10.50
N ASP A 225 -18.06 7.61 9.24
CA ASP A 225 -19.12 7.29 8.28
C ASP A 225 -18.97 5.90 7.70
N HIS A 226 -19.25 4.90 8.53
CA HIS A 226 -19.17 3.51 8.14
C HIS A 226 -20.07 3.19 6.94
N VAL A 227 -21.33 3.60 7.00
CA VAL A 227 -22.26 3.33 5.91
C VAL A 227 -21.74 3.82 4.56
N ARG A 228 -21.26 5.06 4.50
CA ARG A 228 -20.76 5.61 3.24
C ARG A 228 -19.56 4.84 2.73
N ILE A 229 -18.64 4.50 3.64
CA ILE A 229 -17.43 3.75 3.29
C ILE A 229 -17.76 2.31 2.91
N GLU A 230 -18.68 1.68 3.63
CA GLU A 230 -19.06 0.30 3.30
C GLU A 230 -19.72 0.27 1.91
N ALA A 231 -20.51 1.29 1.63
CA ALA A 231 -21.19 1.39 0.34
C ALA A 231 -20.15 1.52 -0.77
N LEU A 232 -19.11 2.30 -0.53
CA LEU A 232 -18.06 2.50 -1.53
C LEU A 232 -17.29 1.21 -1.78
N GLN A 233 -16.94 0.51 -0.71
CA GLN A 233 -16.20 -0.74 -0.85
C GLN A 233 -17.02 -1.85 -1.49
N ASP A 234 -18.29 -1.95 -1.13
CA ASP A 234 -19.13 -3.00 -1.70
C ASP A 234 -19.26 -2.80 -3.21
N ARG A 235 -19.34 -1.54 -3.62
CA ARG A 235 -19.44 -1.22 -5.04
C ARG A 235 -18.16 -1.64 -5.76
N LEU A 236 -17.02 -1.40 -5.12
CA LEU A 236 -15.73 -1.78 -5.70
C LEU A 236 -15.63 -3.30 -5.83
N CYS A 237 -16.06 -4.02 -4.81
CA CYS A 237 -16.01 -5.49 -4.86
C CYS A 237 -16.92 -6.01 -5.97
N ASP A 238 -18.08 -5.38 -6.15
CA ASP A 238 -19.01 -5.81 -7.19
C ASP A 238 -18.33 -5.64 -8.55
N VAL A 239 -17.67 -4.50 -8.75
CA VAL A 239 -16.98 -4.21 -9.99
C VAL A 239 -15.86 -5.23 -10.24
N LEU A 240 -15.17 -5.62 -9.19
CA LEU A 240 -14.08 -6.58 -9.30
C LEU A 240 -14.59 -7.97 -9.65
N GLN A 241 -15.67 -8.41 -9.01
CA GLN A 241 -16.19 -9.74 -9.32
C GLN A 241 -16.65 -9.78 -10.78
N ALA A 242 -17.31 -8.73 -11.23
CA ALA A 242 -17.79 -8.66 -12.61
C ALA A 242 -16.63 -8.61 -13.61
N TYR A 243 -15.57 -7.88 -13.27
CA TYR A 243 -14.43 -7.78 -14.16
C TYR A 243 -13.74 -9.13 -14.34
N ILE A 244 -13.56 -9.86 -13.25
CA ILE A 244 -12.91 -11.15 -13.32
C ILE A 244 -13.72 -12.14 -14.17
N ARG A 245 -14.98 -12.30 -13.80
CA ARG A 245 -15.89 -13.21 -14.50
C ARG A 245 -15.85 -12.98 -16.01
N ILE A 246 -15.97 -11.73 -16.41
CA ILE A 246 -15.99 -11.35 -17.81
C ILE A 246 -14.63 -11.29 -18.53
N GLN A 247 -13.67 -10.60 -17.92
CA GLN A 247 -12.37 -10.41 -18.53
C GLN A 247 -11.23 -11.34 -18.13
N HIS A 248 -11.42 -12.14 -17.09
CA HIS A 248 -10.32 -13.00 -16.67
C HIS A 248 -10.49 -14.48 -16.94
N PRO A 249 -9.90 -14.98 -18.03
CA PRO A 249 -9.99 -16.39 -18.39
C PRO A 249 -9.54 -17.34 -17.26
N GLY A 250 -10.41 -18.27 -16.89
CA GLY A 250 -10.09 -19.23 -15.85
C GLY A 250 -9.97 -18.62 -14.46
N GLY A 251 -10.60 -17.47 -14.26
CA GLY A 251 -10.54 -16.80 -12.97
C GLY A 251 -11.64 -17.15 -12.00
N ARG A 252 -12.17 -18.36 -12.12
CA ARG A 252 -13.24 -18.82 -11.24
C ARG A 252 -13.00 -18.61 -9.74
N LEU A 253 -11.81 -18.95 -9.25
CA LEU A 253 -11.54 -18.78 -7.83
C LEU A 253 -10.68 -17.57 -7.45
N LEU A 254 -10.38 -16.73 -8.44
CA LEU A 254 -9.53 -15.56 -8.22
C LEU A 254 -10.01 -14.55 -7.18
N TYR A 255 -11.29 -14.17 -7.24
CA TYR A 255 -11.83 -13.19 -6.29
C TYR A 255 -11.65 -13.60 -4.84
N ALA A 256 -11.86 -14.89 -4.56
CA ALA A 256 -11.72 -15.43 -3.22
C ALA A 256 -10.25 -15.44 -2.83
N LYS A 257 -9.37 -15.66 -3.81
CA LYS A 257 -7.94 -15.66 -3.53
C LYS A 257 -7.51 -14.23 -3.23
N MET A 258 -8.11 -13.27 -3.93
CA MET A 258 -7.80 -11.86 -3.72
C MET A 258 -8.31 -11.37 -2.37
N ILE A 259 -9.46 -11.88 -1.93
CA ILE A 259 -10.01 -11.48 -0.63
C ILE A 259 -9.14 -12.04 0.47
N GLN A 260 -8.59 -13.24 0.28
CA GLN A 260 -7.72 -13.81 1.29
C GLN A 260 -6.44 -12.99 1.41
N LYS A 261 -6.00 -12.38 0.30
CA LYS A 261 -4.79 -11.56 0.35
C LYS A 261 -5.04 -10.36 1.26
N LEU A 262 -6.28 -9.88 1.30
CA LEU A 262 -6.60 -8.75 2.15
C LEU A 262 -6.41 -9.15 3.62
N ALA A 263 -6.72 -10.41 3.92
CA ALA A 263 -6.58 -10.95 5.27
C ALA A 263 -5.10 -11.10 5.59
N ASP A 264 -4.30 -11.46 4.58
CA ASP A 264 -2.86 -11.62 4.79
C ASP A 264 -2.27 -10.24 5.05
N LEU A 265 -2.85 -9.21 4.46
CA LEU A 265 -2.36 -7.86 4.65
C LEU A 265 -2.65 -7.37 6.06
N ARG A 266 -3.78 -7.77 6.63
CA ARG A 266 -4.09 -7.38 8.01
C ARG A 266 -3.02 -7.96 8.92
N SER A 267 -2.67 -9.22 8.68
CA SER A 267 -1.65 -9.90 9.48
C SER A 267 -0.25 -9.24 9.33
N LEU A 268 0.05 -8.75 8.12
CA LEU A 268 1.34 -8.10 7.88
C LEU A 268 1.35 -6.73 8.55
N ASN A 269 0.20 -6.08 8.53
CA ASN A 269 0.02 -4.78 9.15
C ASN A 269 0.32 -4.92 10.65
N GLU A 270 -0.25 -5.95 11.25
CA GLU A 270 -0.06 -6.20 12.68
C GLU A 270 1.40 -6.41 13.07
N GLU A 271 2.09 -7.28 12.32
CA GLU A 271 3.50 -7.56 12.60
C GLU A 271 4.34 -6.30 12.37
N HIS A 272 4.06 -5.55 11.32
CA HIS A 272 4.79 -4.32 11.07
C HIS A 272 4.53 -3.31 12.18
N SER A 273 3.27 -3.19 12.59
CA SER A 273 2.89 -2.25 13.65
C SER A 273 3.66 -2.61 14.93
N LYS A 274 3.74 -3.90 15.21
CA LYS A 274 4.46 -4.37 16.39
C LYS A 274 5.94 -3.96 16.32
N GLN A 275 6.57 -4.26 15.20
CA GLN A 275 7.99 -3.93 15.06
C GLN A 275 8.23 -2.43 15.01
N TYR A 276 7.32 -1.69 14.39
CA TYR A 276 7.48 -0.25 14.32
C TYR A 276 7.50 0.33 15.73
N ARG A 277 6.56 -0.13 16.55
CA ARG A 277 6.44 0.34 17.94
C ARG A 277 7.74 0.11 18.70
N SER A 278 8.26 -1.11 18.60
CA SER A 278 9.50 -1.46 19.31
C SER A 278 10.64 -0.56 18.86
N LEU A 279 10.86 -0.47 17.55
CA LEU A 279 11.93 0.35 17.01
C LEU A 279 11.79 1.85 17.25
N SER A 280 10.62 2.41 16.99
CA SER A 280 10.43 3.83 17.16
C SER A 280 10.62 4.28 18.61
N PHE A 281 10.62 3.33 19.54
CA PHE A 281 10.83 3.68 20.94
C PHE A 281 12.26 4.11 21.22
N GLN A 282 13.18 3.76 20.32
CA GLN A 282 14.57 4.15 20.47
C GLN A 282 14.79 5.42 19.63
N PRO A 283 15.08 6.56 20.29
CA PRO A 283 15.29 7.79 19.51
C PRO A 283 16.39 7.71 18.47
N GLU A 284 17.43 6.92 18.71
CA GLU A 284 18.52 6.81 17.75
C GLU A 284 18.02 6.19 16.44
N HIS A 285 16.91 5.46 16.52
CA HIS A 285 16.31 4.83 15.34
C HIS A 285 15.25 5.78 14.78
N SER A 286 14.31 6.21 15.61
CA SER A 286 13.24 7.08 15.13
C SER A 286 13.74 8.36 14.50
N MET A 287 14.90 8.86 14.95
CA MET A 287 15.45 10.09 14.36
C MET A 287 15.84 9.91 12.90
N GLN A 288 15.95 8.67 12.44
CA GLN A 288 16.32 8.40 11.05
C GLN A 288 15.08 8.34 10.14
N LEU A 289 13.89 8.41 10.74
CA LEU A 289 12.64 8.36 9.97
C LEU A 289 12.27 9.78 9.49
N THR A 290 11.20 9.89 8.71
CA THR A 290 10.79 11.20 8.20
C THR A 290 9.56 11.69 8.98
N PRO A 291 9.28 12.99 8.94
CA PRO A 291 8.10 13.48 9.66
C PRO A 291 6.82 12.80 9.16
N LEU A 292 6.70 12.53 7.85
CA LEU A 292 5.48 11.87 7.35
C LEU A 292 5.32 10.43 7.86
N VAL A 293 6.42 9.69 7.93
CA VAL A 293 6.35 8.32 8.43
C VAL A 293 5.92 8.35 9.89
N LEU A 294 6.50 9.27 10.65
CA LEU A 294 6.15 9.37 12.07
C LEU A 294 4.67 9.70 12.28
N GLU A 295 4.12 10.54 11.39
CA GLU A 295 2.70 10.91 11.47
C GLU A 295 1.81 9.74 11.16
N VAL A 296 2.01 9.17 9.96
CA VAL A 296 1.21 8.07 9.49
C VAL A 296 1.33 6.77 10.24
N PHE A 297 2.53 6.35 10.61
CA PHE A 297 2.70 5.08 11.32
C PHE A 297 2.59 5.28 12.83
N GLY A 298 2.52 6.54 13.27
CA GLY A 298 2.40 6.85 14.69
C GLY A 298 1.04 6.45 15.23
N SER A 299 0.85 6.57 16.54
CA SER A 299 -0.42 6.17 17.16
C SER A 299 -1.39 7.30 17.51
N GLU A 300 -1.07 8.54 17.13
CA GLU A 300 -1.94 9.67 17.43
C GLU A 300 -3.33 9.46 16.82
N VAL A 301 -4.37 10.01 17.46
CA VAL A 301 -5.73 9.86 16.96
C VAL A 301 -6.41 11.22 16.81
N SER A 302 -7.21 11.36 15.76
CA SER A 302 -7.92 12.62 15.51
C SER A 302 -8.84 12.98 16.65
N GLY B 1 -2.97 16.70 15.69
CA GLY B 1 -1.77 17.03 14.88
C GLY B 1 -2.03 16.67 13.43
N HIS B 2 -1.33 15.67 12.92
CA HIS B 2 -1.50 15.23 11.54
C HIS B 2 -1.40 16.42 10.58
N LYS B 3 -0.46 17.31 10.86
CA LYS B 3 -0.23 18.51 10.04
C LYS B 3 0.07 18.22 8.58
N ILE B 4 0.94 17.24 8.33
CA ILE B 4 1.32 16.90 6.96
C ILE B 4 0.18 16.17 6.25
N LEU B 5 -0.45 15.23 6.95
CA LEU B 5 -1.56 14.51 6.37
C LEU B 5 -2.67 15.46 5.92
N HIS B 6 -3.12 16.35 6.80
CA HIS B 6 -4.18 17.28 6.45
C HIS B 6 -3.82 18.09 5.22
N ARG B 7 -2.58 18.56 5.18
CA ARG B 7 -2.11 19.36 4.06
C ARG B 7 -2.09 18.59 2.75
N LEU B 8 -1.52 17.40 2.75
CA LEU B 8 -1.44 16.59 1.54
C LEU B 8 -2.83 16.19 1.04
N LEU B 9 -3.77 16.01 1.95
CA LEU B 9 -5.12 15.64 1.56
C LEU B 9 -5.81 16.85 0.95
N GLN B 10 -5.03 17.92 0.79
CA GLN B 10 -5.46 19.20 0.23
C GLN B 10 -6.47 19.84 1.15
C1 4OA C . 11.64 -1.76 6.10
C10 4OA C . 10.38 -2.54 5.51
C11 4OA C . 11.22 -2.28 2.96
C12 4OA C . 10.90 -1.81 1.53
C13 4OA C . 9.57 -2.43 0.92
C14 4OA C . 8.37 -2.19 1.95
C15 4OA C . 7.12 -2.77 1.27
C16 4OA C . 7.43 -2.41 -0.23
C17 4OA C . 8.84 -1.72 -0.26
C18 4OA C . 9.92 -3.98 0.60
C19 4OA C . 10.71 -4.07 5.49
O1B 4OA C . 9.84 1.50 7.07
C2 4OA C . 11.39 -0.22 6.15
C20 4OA C . 9.49 -1.89 -1.76
C21 4OA C . 10.91 -1.31 -1.91
C22 4OA C . 8.68 -1.10 -2.83
C23 4OA C . 8.61 -1.59 -4.27
C24 4OA C . 7.74 -0.69 -5.19
C3 4OA C . 10.09 0.09 7.03
C4 4OA C . 8.82 -0.65 6.48
O4 4OA C . 7.63 -1.06 -6.38
O4A 4OA C . 7.16 0.36 -4.78
C5 4OA C . 9.10 -2.23 6.44
C6 4OA C . 7.81 -3.02 5.85
C7 4OA C . 7.49 -2.51 4.40
C8 4OA C . 8.69 -2.77 3.42
C9 4OA C . 10.01 -2.02 3.99
C1 4OA D . 11.48 14.50 2.01
C10 4OA D . 12.02 13.64 0.76
C11 4OA D . 11.48 15.59 -0.98
C12 4OA D . 10.80 16.01 -2.29
C13 4OA D . 11.28 15.14 -3.55
C14 4OA D . 11.03 13.62 -3.23
C15 4OA D . 11.45 12.84 -4.51
C16 4OA D . 11.03 13.89 -5.61
C17 4OA D . 10.46 15.17 -4.88
C18 4OA D . 12.85 15.55 -3.78
C19 4OA D . 13.55 13.96 0.57
O1B 4OA D . 8.36 12.39 2.80
C2 4OA D . 9.97 14.22 2.29
C20 4OA D . 10.70 16.50 -5.82
C21 4OA D . 10.23 17.83 -5.19
C22 4OA D . 9.89 16.53 -7.16
C23 4OA D . 8.63 15.68 -7.37
C24 4OA D . 7.97 15.87 -8.76
C3 4OA D . 9.74 12.65 2.54
C4 4OA D . 10.21 11.78 1.29
O4 4OA D . 6.94 15.19 -8.97
O4A 4OA D . 8.43 16.69 -9.64
C5 4OA D . 11.75 12.07 1.02
C6 4OA D . 12.28 11.20 -0.25
C7 4OA D . 11.55 11.66 -1.57
C8 4OA D . 11.78 13.17 -1.89
C9 4OA D . 11.26 14.05 -0.64
#